data_9SFX
#
_entry.id   9SFX
#
_cell.length_a   186.350
_cell.length_b   186.350
_cell.length_c   107.970
_cell.angle_alpha   90.00
_cell.angle_beta   90.00
_cell.angle_gamma   120.00
#
_symmetry.space_group_name_H-M   'P 61 2 2'
#
loop_
_entity.id
_entity.type
_entity.pdbx_description
1 polymer 'Secukinumab Fv light-chain'
2 polymer 'Secukinumab Fv heavy-chain'
3 polymer Interleukin-17A
4 polymer 'Heavy-chain of anti-IL-17A antibody XAB5 Fv (crystallization aid)'
5 polymer 'Light-chain of anti-IL-17A antibody XAB5 (crystallization aid)'
6 non-polymer GLYCEROL
7 water water
#
loop_
_entity_poly.entity_id
_entity_poly.type
_entity_poly.pdbx_seq_one_letter_code
_entity_poly.pdbx_strand_id
1 'polypeptide(L)'
;EIVLTQSPGTLSLSPGERATLSCRASQSVSSSYLAWYQQKPGQAPRLLIYGASSRATGIPDRFSGSGSGTDFTLTISRLE
PEDFAVYYCQQYGSSPCTFGQGTRLEIKWSHPQFEK
;
A
2 'polypeptide(L)'
;EVQLVESGGGLVQPGGSLRLSCAASGFTFSNYWMNWVRQAPGKGLEWVAAINQDGSEKYYVGSVKGRFTISRDNAKNSLY
LQMNSLRVEDTAVYYCVRDYYDILTDYYIHYWYFDLWGRGTLVTVSSHHHHHH
;
B
3 'polypeptide(L)'
;GPIVKAGITIPRNPGCPNSEDKNFPRTVMVNLNIHNRNTNTNPKRSSDYYNRSTSPWNLHRNEDPERYPSVIWEAKCRHL
GCINADGNVDYHMNSVPIQQEILVLRREPPHCPNSFRLEKILVSVGCTCVTPIVHHVA
;
C
4 'polypeptide(L)'
;EVQLVESGGDLVQPGGSLRLSCAASGFTFSSYWMSWVRQAPGKGLEWVANIKQDGSEKYYVDSVKGRFTISRDNAKNSLY
LQMNSLRAEDTAVYYCARDRGSLYYWGQGTLVTVSSHHHHHH
;
H
5 'polypeptide(L)'
;AIQLTQSPSSLSASVGDRVTITCRPSQGINWELAWYQQKPGKAPKLLIYDASSLENGVPSRFSGSGSGTDFTLTISSLQP
EDFATYYCQQFNSYPLTFGGGTKVEIKWSHPQFEK
;
L
#
# COMPACT_ATOMS: atom_id res chain seq x y z
N GLU A 1 23.94 -12.95 -5.64
CA GLU A 1 23.63 -12.96 -4.21
C GLU A 1 24.48 -11.96 -3.47
N ILE A 2 23.92 -11.31 -2.41
CA ILE A 2 24.71 -10.40 -1.59
C ILE A 2 25.37 -11.26 -0.51
N VAL A 3 26.73 -11.29 -0.50
CA VAL A 3 27.55 -11.98 0.48
C VAL A 3 27.88 -10.98 1.60
N LEU A 4 27.54 -11.36 2.83
CA LEU A 4 27.74 -10.57 4.06
C LEU A 4 28.87 -11.17 4.86
N THR A 5 29.87 -10.33 5.18
CA THR A 5 31.06 -10.73 5.91
C THR A 5 31.12 -9.95 7.19
N GLN A 6 31.15 -10.69 8.31
CA GLN A 6 31.21 -10.20 9.66
C GLN A 6 32.60 -10.18 10.27
N SER A 7 32.84 -9.23 11.20
CA SER A 7 34.11 -8.99 11.88
C SER A 7 33.88 -8.43 13.27
N PRO A 8 34.76 -8.78 14.24
CA PRO A 8 35.76 -9.86 14.17
C PRO A 8 35.04 -11.22 14.19
N GLY A 9 35.78 -12.30 13.94
CA GLY A 9 35.24 -13.66 14.05
C GLY A 9 34.87 -13.92 15.48
N THR A 10 35.80 -13.69 16.41
CA THR A 10 35.61 -13.81 17.86
C THR A 10 36.03 -12.50 18.51
N LEU A 11 35.21 -12.04 19.45
CA LEU A 11 35.43 -10.79 20.18
C LEU A 11 35.33 -11.14 21.66
N SER A 12 36.36 -10.73 22.41
CA SER A 12 36.49 -10.96 23.86
C SER A 12 36.69 -9.63 24.58
N LEU A 13 35.73 -9.29 25.44
CA LEU A 13 35.75 -8.05 26.20
C LEU A 13 35.26 -8.30 27.60
N SER A 14 35.49 -7.35 28.49
CA SER A 14 35.16 -7.41 29.91
C SER A 14 33.78 -6.84 30.24
N PRO A 15 33.15 -7.21 31.39
CA PRO A 15 31.83 -6.65 31.70
C PRO A 15 31.90 -5.14 31.80
N GLY A 16 30.86 -4.47 31.32
CA GLY A 16 30.79 -3.02 31.37
C GLY A 16 31.33 -2.31 30.14
N GLU A 17 32.19 -2.97 29.35
CA GLU A 17 32.77 -2.46 28.10
C GLU A 17 31.72 -2.44 26.98
N ARG A 18 32.11 -1.86 25.83
CA ARG A 18 31.27 -1.72 24.65
C ARG A 18 31.83 -2.57 23.53
N ALA A 19 30.98 -3.44 22.96
CA ALA A 19 31.32 -4.30 21.84
C ALA A 19 30.87 -3.69 20.50
N THR A 20 31.75 -3.66 19.50
CA THR A 20 31.34 -3.18 18.17
C THR A 20 31.53 -4.32 17.17
N LEU A 21 30.45 -4.67 16.45
CA LEU A 21 30.44 -5.78 15.49
C LEU A 21 30.16 -5.23 14.10
N SER A 22 30.91 -5.70 13.08
CA SER A 22 30.74 -5.21 11.70
C SER A 22 30.14 -6.24 10.76
N CYS A 23 29.37 -5.72 9.82
CA CYS A 23 28.72 -6.47 8.78
C CYS A 23 28.96 -5.73 7.51
N ARG A 24 29.74 -6.30 6.62
CA ARG A 24 30.06 -5.66 5.33
C ARG A 24 29.44 -6.49 4.20
N ALA A 25 28.91 -5.80 3.18
CA ALA A 25 28.22 -6.43 2.06
C ALA A 25 29.00 -6.32 0.74
N SER A 26 28.89 -7.33 -0.14
CA SER A 26 29.56 -7.42 -1.45
C SER A 26 28.97 -6.46 -2.46
N GLN A 27 27.73 -6.04 -2.23
CA GLN A 27 27.08 -5.00 -3.03
C GLN A 27 26.24 -4.22 -2.05
N SER A 28 25.92 -2.98 -2.38
CA SER A 28 25.06 -2.12 -1.57
C SER A 28 23.71 -2.81 -1.26
N VAL A 29 23.29 -2.77 0.04
CA VAL A 29 22.03 -3.30 0.59
C VAL A 29 21.00 -2.16 0.46
N SER A 30 19.89 -2.48 -0.23
CA SER A 30 18.78 -1.58 -0.50
C SER A 30 18.03 -1.15 0.74
N SER A 31 17.73 0.15 0.84
CA SER A 31 16.87 0.78 1.85
C SER A 31 17.28 0.52 3.27
N SER A 32 18.60 0.23 3.52
CA SER A 32 19.13 -0.11 4.85
C SER A 32 18.38 -1.39 5.40
N TYR A 33 17.97 -2.32 4.50
CA TYR A 33 17.25 -3.54 4.86
C TYR A 33 18.25 -4.59 5.41
N LEU A 34 18.74 -4.30 6.62
CA LEU A 34 19.70 -5.13 7.34
C LEU A 34 19.24 -5.38 8.80
N ALA A 35 19.12 -6.66 9.19
CA ALA A 35 18.71 -7.11 10.53
C ALA A 35 19.86 -7.77 11.28
N TRP A 36 19.76 -7.81 12.64
CA TRP A 36 20.71 -8.48 13.53
C TRP A 36 19.98 -9.41 14.43
N TYR A 37 20.56 -10.58 14.65
CA TYR A 37 20.05 -11.63 15.50
C TYR A 37 21.08 -11.97 16.51
N GLN A 38 20.63 -12.40 17.69
CA GLN A 38 21.43 -12.90 18.80
C GLN A 38 21.08 -14.39 18.97
N GLN A 39 22.09 -15.28 18.99
CA GLN A 39 21.81 -16.68 19.23
C GLN A 39 22.66 -17.15 20.43
N LYS A 40 22.05 -17.21 21.63
CA LYS A 40 22.76 -17.64 22.84
C LYS A 40 23.04 -19.16 22.73
N PRO A 41 24.08 -19.71 23.39
CA PRO A 41 24.30 -21.16 23.27
C PRO A 41 23.09 -21.98 23.69
N GLY A 42 22.72 -22.93 22.83
CA GLY A 42 21.61 -23.85 23.03
C GLY A 42 20.23 -23.29 22.78
N GLN A 43 20.14 -22.09 22.19
CA GLN A 43 18.86 -21.43 21.94
C GLN A 43 18.72 -21.03 20.50
N ALA A 44 17.46 -20.78 20.11
CA ALA A 44 17.12 -20.29 18.78
C ALA A 44 17.51 -18.82 18.68
N PRO A 45 17.79 -18.26 17.47
CA PRO A 45 18.06 -16.81 17.38
C PRO A 45 16.85 -15.93 17.76
N ARG A 46 17.14 -14.70 18.22
CA ARG A 46 16.16 -13.69 18.62
C ARG A 46 16.50 -12.44 17.76
N LEU A 47 15.49 -11.81 17.14
CA LEU A 47 15.73 -10.58 16.39
C LEU A 47 16.16 -9.47 17.41
N LEU A 48 17.22 -8.72 17.07
CA LEU A 48 17.69 -7.58 17.87
C LEU A 48 17.33 -6.27 17.22
N ILE A 49 17.70 -6.13 15.94
CA ILE A 49 17.62 -4.90 15.16
C ILE A 49 17.03 -5.15 13.78
N TYR A 50 16.28 -4.17 13.26
CA TYR A 50 15.80 -4.21 11.88
C TYR A 50 16.03 -2.81 11.27
N GLY A 51 16.03 -2.75 9.95
CA GLY A 51 16.29 -1.49 9.25
C GLY A 51 17.58 -0.83 9.70
N ALA A 52 18.64 -1.64 9.94
CA ALA A 52 19.98 -1.18 10.37
C ALA A 52 20.05 -0.58 11.79
N SER A 53 19.02 0.20 12.23
CA SER A 53 19.05 0.95 13.48
C SER A 53 17.87 0.83 14.42
N SER A 54 16.75 0.27 13.98
CA SER A 54 15.58 0.13 14.85
C SER A 54 15.64 -1.09 15.72
N ARG A 55 15.28 -0.94 16.99
CA ARG A 55 15.30 -2.01 17.96
C ARG A 55 14.00 -2.79 17.91
N ALA A 56 14.11 -4.14 17.92
CA ALA A 56 12.94 -5.05 17.98
C ALA A 56 12.34 -4.94 19.40
N THR A 57 11.07 -5.33 19.57
CA THR A 57 10.37 -5.21 20.86
C THR A 57 11.04 -6.03 21.94
N GLY A 58 11.16 -5.44 23.12
CA GLY A 58 11.77 -6.09 24.27
C GLY A 58 13.28 -6.02 24.31
N ILE A 59 13.86 -5.37 23.29
CA ILE A 59 15.30 -5.23 23.16
C ILE A 59 15.78 -3.95 23.87
N PRO A 60 16.65 -4.08 24.91
CA PRO A 60 17.12 -2.90 25.63
C PRO A 60 17.96 -1.94 24.78
N ASP A 61 17.98 -0.66 25.16
CA ASP A 61 18.65 0.45 24.44
C ASP A 61 20.21 0.38 24.45
N ARG A 62 20.81 -0.58 25.18
CA ARG A 62 22.27 -0.80 25.14
C ARG A 62 22.69 -1.52 23.83
N PHE A 63 21.72 -2.12 23.13
CA PHE A 63 21.89 -2.69 21.79
C PHE A 63 21.50 -1.61 20.77
N SER A 64 22.43 -1.21 19.91
CA SER A 64 22.15 -0.20 18.89
C SER A 64 22.81 -0.53 17.54
N GLY A 65 22.21 -0.06 16.46
CA GLY A 65 22.71 -0.29 15.11
C GLY A 65 22.78 0.97 14.27
N SER A 66 23.67 0.95 13.30
CA SER A 66 23.86 2.02 12.33
C SER A 66 24.53 1.45 11.10
N GLY A 67 24.46 2.18 10.01
CA GLY A 67 25.06 1.75 8.76
C GLY A 67 24.16 1.93 7.56
N SER A 68 24.74 1.79 6.38
CA SER A 68 24.07 1.90 5.08
C SER A 68 24.99 1.34 4.00
N GLY A 69 24.41 0.97 2.87
CA GLY A 69 25.14 0.46 1.73
C GLY A 69 25.84 -0.86 1.94
N THR A 70 27.16 -0.81 2.14
CA THR A 70 28.02 -1.98 2.27
C THR A 70 28.65 -2.14 3.68
N ASP A 71 28.34 -1.25 4.62
CA ASP A 71 28.93 -1.33 5.95
C ASP A 71 27.90 -0.99 7.01
N PHE A 72 27.76 -1.87 8.00
CA PHE A 72 26.80 -1.80 9.11
C PHE A 72 27.48 -2.23 10.40
N THR A 73 27.09 -1.62 11.53
CA THR A 73 27.60 -1.99 12.83
C THR A 73 26.46 -2.18 13.82
N LEU A 74 26.68 -3.07 14.80
CA LEU A 74 25.86 -3.39 15.95
C LEU A 74 26.77 -3.12 17.14
N THR A 75 26.28 -2.29 18.03
CA THR A 75 26.92 -1.85 19.25
C THR A 75 26.19 -2.47 20.42
N ILE A 76 26.93 -3.09 21.33
CA ILE A 76 26.39 -3.62 22.58
C ILE A 76 27.16 -2.96 23.71
N SER A 77 26.48 -2.10 24.47
CA SER A 77 27.06 -1.38 25.59
C SER A 77 26.78 -2.10 26.91
N ARG A 78 27.52 -1.74 27.97
CA ARG A 78 27.39 -2.32 29.31
C ARG A 78 27.27 -3.87 29.17
N LEU A 79 28.31 -4.46 28.53
CA LEU A 79 28.38 -5.89 28.28
C LEU A 79 28.20 -6.62 29.58
N GLU A 80 27.36 -7.64 29.52
CA GLU A 80 27.01 -8.49 30.64
C GLU A 80 27.41 -9.92 30.24
N PRO A 81 27.75 -10.79 31.19
CA PRO A 81 28.07 -12.18 30.82
C PRO A 81 27.02 -12.87 29.98
N GLU A 82 25.71 -12.59 30.20
CA GLU A 82 24.55 -13.17 29.47
C GLU A 82 24.60 -12.85 27.97
N ASP A 83 25.41 -11.86 27.59
CA ASP A 83 25.60 -11.45 26.21
C ASP A 83 26.43 -12.46 25.41
N PHE A 84 27.05 -13.45 26.07
CA PHE A 84 27.80 -14.54 25.41
C PHE A 84 26.82 -15.20 24.41
N ALA A 85 27.09 -15.02 23.10
CA ALA A 85 26.24 -15.49 22.01
C ALA A 85 26.93 -15.27 20.65
N VAL A 86 26.38 -15.89 19.56
CA VAL A 86 26.80 -15.61 18.18
C VAL A 86 25.80 -14.56 17.63
N TYR A 87 26.30 -13.49 17.03
CA TYR A 87 25.46 -12.41 16.47
C TYR A 87 25.57 -12.47 14.96
N TYR A 88 24.40 -12.57 14.30
CA TYR A 88 24.30 -12.64 12.85
C TYR A 88 23.64 -11.44 12.25
N CYS A 89 24.16 -10.97 11.10
CA CYS A 89 23.47 -9.94 10.33
C CYS A 89 22.77 -10.65 9.17
N GLN A 90 21.71 -10.07 8.68
CA GLN A 90 20.91 -10.63 7.60
C GLN A 90 20.30 -9.52 6.77
N GLN A 91 20.52 -9.54 5.44
CA GLN A 91 19.91 -8.54 4.57
C GLN A 91 18.63 -9.10 3.98
N TYR A 92 17.68 -8.19 3.71
CA TYR A 92 16.37 -8.52 3.13
C TYR A 92 15.96 -7.48 2.08
N GLY A 93 16.98 -6.88 1.42
CA GLY A 93 16.83 -5.90 0.35
C GLY A 93 17.02 -6.48 -1.04
N SER A 94 17.72 -7.63 -1.15
CA SER A 94 17.96 -8.39 -2.38
C SER A 94 17.53 -9.87 -2.15
N SER A 95 17.01 -10.53 -3.22
CA SER A 95 16.59 -11.93 -3.19
C SER A 95 17.72 -12.82 -3.73
N PRO A 96 18.17 -13.86 -2.98
CA PRO A 96 17.60 -14.37 -1.72
C PRO A 96 18.13 -13.64 -0.51
N CYS A 97 17.40 -13.71 0.61
CA CYS A 97 17.88 -13.12 1.84
C CYS A 97 19.11 -13.98 2.22
N THR A 98 20.10 -13.31 2.80
CA THR A 98 21.39 -13.88 3.15
C THR A 98 21.79 -13.40 4.54
N PHE A 99 22.65 -14.18 5.16
CA PHE A 99 23.18 -13.98 6.49
C PHE A 99 24.69 -13.88 6.44
N GLY A 100 25.26 -13.13 7.39
CA GLY A 100 26.69 -13.12 7.60
C GLY A 100 27.02 -14.41 8.33
N GLN A 101 28.30 -14.80 8.40
CA GLN A 101 28.71 -16.06 9.07
C GLN A 101 28.71 -15.98 10.60
N GLY A 102 28.47 -14.79 11.17
CA GLY A 102 28.42 -14.54 12.61
C GLY A 102 29.68 -14.08 13.31
N THR A 103 29.49 -13.37 14.43
CA THR A 103 30.57 -12.93 15.31
C THR A 103 30.28 -13.58 16.63
N ARG A 104 31.24 -14.35 17.14
CA ARG A 104 31.21 -15.03 18.42
C ARG A 104 31.64 -14.02 19.51
N LEU A 105 30.72 -13.63 20.42
CA LEU A 105 31.04 -12.69 21.49
C LEU A 105 31.18 -13.44 22.79
N GLU A 106 32.29 -13.19 23.47
CA GLU A 106 32.62 -13.81 24.74
C GLU A 106 33.05 -12.79 25.74
N ILE A 107 32.68 -12.99 27.01
CA ILE A 107 33.00 -12.07 28.11
C ILE A 107 34.17 -12.62 28.92
N LYS A 108 35.16 -11.75 29.22
CA LYS A 108 36.39 -12.08 29.98
C LYS A 108 36.66 -11.15 31.17
N TRP A 109 37.49 -11.58 32.10
CA TRP A 109 37.90 -10.73 33.22
C TRP A 109 39.07 -9.87 32.77
N SER A 110 39.08 -8.63 33.26
CA SER A 110 40.13 -7.64 33.00
C SER A 110 41.21 -7.77 34.06
N HIS A 111 42.49 -7.80 33.64
CA HIS A 111 43.69 -7.98 34.48
C HIS A 111 43.89 -6.90 35.55
N GLU B 1 0.39 -16.42 24.52
CA GLU B 1 1.83 -16.34 24.23
C GLU B 1 2.19 -17.02 22.88
N VAL B 2 2.89 -16.28 21.99
CA VAL B 2 3.29 -16.78 20.66
C VAL B 2 4.39 -17.84 20.73
N GLN B 3 4.22 -18.88 19.92
CA GLN B 3 5.11 -20.02 19.87
C GLN B 3 5.08 -20.71 18.51
N LEU B 4 6.23 -21.25 18.08
CA LEU B 4 6.41 -22.11 16.90
C LEU B 4 7.05 -23.41 17.42
N VAL B 5 6.40 -24.56 17.20
CA VAL B 5 6.92 -25.84 17.69
C VAL B 5 7.23 -26.83 16.54
N GLU B 6 8.52 -26.98 16.18
CA GLU B 6 8.94 -27.95 15.14
C GLU B 6 8.96 -29.38 15.68
N SER B 7 8.82 -30.34 14.76
CA SER B 7 8.83 -31.80 14.98
C SER B 7 9.15 -32.42 13.62
N GLY B 8 9.54 -33.70 13.60
CA GLY B 8 9.81 -34.42 12.35
C GLY B 8 11.26 -34.78 12.09
N GLY B 9 12.18 -34.15 12.83
CA GLY B 9 13.62 -34.40 12.69
C GLY B 9 14.08 -35.80 13.07
N GLY B 10 15.25 -36.19 12.57
CA GLY B 10 15.81 -37.50 12.87
C GLY B 10 17.06 -37.89 12.12
N LEU B 11 17.43 -39.16 12.25
CA LEU B 11 18.60 -39.72 11.58
C LEU B 11 18.07 -40.53 10.41
N VAL B 12 18.57 -40.21 9.21
CA VAL B 12 18.24 -40.80 7.89
C VAL B 12 19.54 -41.15 7.18
N GLN B 13 19.46 -42.10 6.27
CA GLN B 13 20.54 -42.52 5.40
C GLN B 13 20.52 -41.56 4.19
N PRO B 14 21.67 -41.31 3.51
CA PRO B 14 21.63 -40.48 2.29
C PRO B 14 20.66 -41.11 1.27
N GLY B 15 19.80 -40.28 0.70
CA GLY B 15 18.81 -40.73 -0.28
C GLY B 15 17.44 -40.82 0.34
N GLY B 16 17.44 -40.80 1.67
CA GLY B 16 16.25 -40.86 2.49
C GLY B 16 15.37 -39.64 2.35
N SER B 17 14.18 -39.75 2.92
CA SER B 17 13.13 -38.78 2.93
C SER B 17 12.81 -38.47 4.39
N LEU B 18 12.31 -37.26 4.65
CA LEU B 18 11.93 -36.78 5.97
C LEU B 18 10.92 -35.68 5.77
N ARG B 19 10.07 -35.47 6.76
CA ARG B 19 9.05 -34.42 6.71
C ARG B 19 9.06 -33.67 8.04
N LEU B 20 9.27 -32.37 8.00
CA LEU B 20 9.25 -31.57 9.23
C LEU B 20 7.95 -30.80 9.28
N SER B 21 7.41 -30.70 10.46
CA SER B 21 6.19 -29.96 10.73
C SER B 21 6.57 -28.89 11.72
N CYS B 22 5.77 -27.86 11.78
CA CYS B 22 6.01 -26.79 12.72
C CYS B 22 4.64 -26.26 13.03
N ALA B 23 4.27 -26.27 14.31
CA ALA B 23 2.95 -25.88 14.78
C ALA B 23 2.97 -24.49 15.38
N ALA B 24 2.11 -23.59 14.87
CA ALA B 24 2.01 -22.22 15.33
C ALA B 24 0.80 -21.99 16.25
N SER B 25 1.00 -21.19 17.30
CA SER B 25 -0.04 -20.86 18.29
C SER B 25 0.18 -19.44 18.82
N GLY B 26 -0.87 -18.82 19.37
CA GLY B 26 -0.82 -17.46 19.93
C GLY B 26 -0.96 -16.31 18.94
N PHE B 27 -1.02 -16.60 17.61
CA PHE B 27 -1.19 -15.57 16.59
C PHE B 27 -2.03 -16.09 15.43
N THR B 28 -2.46 -15.17 14.54
CA THR B 28 -3.22 -15.53 13.33
C THR B 28 -2.19 -15.96 12.31
N PHE B 29 -1.97 -17.28 12.19
CA PHE B 29 -1.01 -17.90 11.27
C PHE B 29 -1.21 -17.49 9.80
N SER B 30 -2.47 -17.42 9.33
CA SER B 30 -2.81 -17.08 7.94
C SER B 30 -2.45 -15.65 7.54
N ASN B 31 -2.01 -14.84 8.51
CA ASN B 31 -1.57 -13.45 8.23
C ASN B 31 -0.09 -13.39 7.93
N TYR B 32 0.65 -14.48 8.14
CA TYR B 32 2.10 -14.47 8.02
C TYR B 32 2.68 -15.31 6.92
N TRP B 33 3.80 -14.82 6.38
CA TRP B 33 4.66 -15.55 5.47
C TRP B 33 5.51 -16.31 6.46
N MET B 34 5.95 -17.49 6.08
CA MET B 34 6.75 -18.38 6.95
C MET B 34 7.90 -18.88 6.14
N ASN B 35 9.03 -19.13 6.80
CA ASN B 35 10.25 -19.64 6.17
C ASN B 35 10.83 -20.79 6.97
N TRP B 36 11.77 -21.51 6.35
CA TRP B 36 12.61 -22.56 6.96
C TRP B 36 14.05 -22.04 6.81
N VAL B 37 14.78 -21.92 7.92
CA VAL B 37 16.18 -21.49 7.92
C VAL B 37 16.92 -22.65 8.59
N ARG B 38 18.12 -23.00 8.11
CA ARG B 38 18.88 -24.09 8.67
C ARG B 38 20.23 -23.67 9.19
N GLN B 39 20.78 -24.46 10.08
CA GLN B 39 22.10 -24.20 10.66
C GLN B 39 22.89 -25.53 10.76
N ALA B 40 23.87 -25.78 9.84
CA ALA B 40 24.69 -27.00 9.85
C ALA B 40 25.45 -27.05 11.18
N PRO B 41 25.63 -28.25 11.81
CA PRO B 41 26.28 -28.29 13.13
C PRO B 41 27.57 -27.48 13.21
N GLY B 42 27.59 -26.56 14.19
CA GLY B 42 28.70 -25.64 14.45
C GLY B 42 28.92 -24.57 13.39
N LYS B 43 27.99 -24.43 12.45
CA LYS B 43 28.11 -23.48 11.34
C LYS B 43 27.02 -22.38 11.40
N GLY B 44 26.94 -21.54 10.37
CA GLY B 44 26.03 -20.40 10.30
C GLY B 44 24.60 -20.71 9.91
N LEU B 45 23.80 -19.66 9.80
CA LEU B 45 22.40 -19.72 9.41
C LEU B 45 22.29 -19.59 7.88
N GLU B 46 21.45 -20.41 7.25
CA GLU B 46 21.24 -20.42 5.80
C GLU B 46 19.74 -20.52 5.51
N TRP B 47 19.21 -19.68 4.60
CA TRP B 47 17.79 -19.69 4.21
C TRP B 47 17.55 -20.92 3.35
N VAL B 48 16.38 -21.58 3.53
CA VAL B 48 16.02 -22.78 2.75
C VAL B 48 14.84 -22.50 1.84
N ALA B 49 13.71 -22.06 2.42
CA ALA B 49 12.47 -21.86 1.67
C ALA B 49 11.55 -20.82 2.33
N ALA B 50 10.72 -20.18 1.51
CA ALA B 50 9.74 -19.17 1.92
C ALA B 50 8.39 -19.56 1.28
N ILE B 51 7.29 -19.16 1.94
CA ILE B 51 5.92 -19.39 1.50
C ILE B 51 5.07 -18.19 1.94
N ASN B 52 4.21 -17.69 1.05
CA ASN B 52 3.34 -16.57 1.41
C ASN B 52 2.11 -17.04 2.26
N GLN B 53 1.22 -16.11 2.67
CA GLN B 53 0.05 -16.40 3.54
C GLN B 53 -0.78 -17.60 3.10
N ASP B 54 -1.16 -17.69 1.80
CA ASP B 54 -2.00 -18.78 1.27
C ASP B 54 -1.24 -19.89 0.49
N GLY B 55 0.10 -19.83 0.45
CA GLY B 55 0.88 -20.84 -0.25
C GLY B 55 0.80 -20.76 -1.76
N SER B 56 0.43 -19.60 -2.30
CA SER B 56 0.35 -19.40 -3.74
C SER B 56 1.75 -19.05 -4.25
N GLU B 57 2.69 -18.75 -3.34
CA GLU B 57 4.09 -18.39 -3.67
C GLU B 57 5.04 -19.17 -2.78
N LYS B 58 5.95 -19.98 -3.42
CA LYS B 58 6.98 -20.80 -2.77
C LYS B 58 8.33 -20.46 -3.36
N TYR B 59 9.29 -20.15 -2.49
CA TYR B 59 10.64 -19.76 -2.87
C TYR B 59 11.63 -20.73 -2.27
N TYR B 60 12.73 -21.00 -2.97
CA TYR B 60 13.72 -22.00 -2.58
C TYR B 60 15.13 -21.59 -2.86
N VAL B 61 16.05 -22.04 -1.99
CA VAL B 61 17.49 -21.94 -2.15
C VAL B 61 17.83 -22.98 -3.25
N GLY B 62 18.83 -22.69 -4.08
CA GLY B 62 19.17 -23.51 -5.23
C GLY B 62 19.58 -24.92 -4.89
N SER B 63 20.24 -25.09 -3.73
CA SER B 63 20.75 -26.40 -3.30
C SER B 63 19.66 -27.45 -3.00
N VAL B 64 18.38 -27.02 -2.88
CA VAL B 64 17.28 -27.91 -2.55
C VAL B 64 16.25 -28.07 -3.70
N LYS B 65 16.49 -27.45 -4.88
CA LYS B 65 15.58 -27.60 -6.05
C LYS B 65 15.34 -29.08 -6.34
N GLY B 66 14.08 -29.43 -6.62
CA GLY B 66 13.68 -30.79 -6.95
C GLY B 66 13.70 -31.78 -5.81
N ARG B 67 14.07 -31.31 -4.59
CA ARG B 67 14.20 -32.16 -3.44
C ARG B 67 13.27 -31.76 -2.32
N PHE B 68 13.29 -30.47 -1.90
CA PHE B 68 12.43 -30.02 -0.79
C PHE B 68 11.16 -29.34 -1.27
N THR B 69 10.10 -29.43 -0.49
CA THR B 69 8.84 -28.75 -0.81
C THR B 69 8.30 -28.14 0.48
N ILE B 70 8.06 -26.82 0.44
CA ILE B 70 7.48 -26.07 1.54
C ILE B 70 5.97 -26.08 1.26
N SER B 71 5.17 -26.22 2.33
CA SER B 71 3.70 -26.26 2.29
C SER B 71 3.14 -25.74 3.60
N ARG B 72 1.82 -25.45 3.63
CA ARG B 72 1.13 -25.01 4.86
C ARG B 72 -0.33 -25.44 4.88
N ASP B 73 -0.86 -25.66 6.09
CA ASP B 73 -2.26 -25.99 6.33
C ASP B 73 -2.74 -24.97 7.36
N ASN B 74 -3.32 -23.86 6.86
CA ASN B 74 -3.78 -22.71 7.64
C ASN B 74 -4.88 -23.08 8.66
N ALA B 75 -5.64 -24.17 8.39
CA ALA B 75 -6.66 -24.71 9.28
C ALA B 75 -6.00 -25.47 10.44
N LYS B 76 -4.87 -26.17 10.17
CA LYS B 76 -4.08 -26.93 11.15
C LYS B 76 -2.99 -26.06 11.80
N ASN B 77 -2.92 -24.76 11.42
CA ASN B 77 -1.92 -23.82 11.96
C ASN B 77 -0.49 -24.42 11.86
N SER B 78 -0.23 -25.11 10.76
CA SER B 78 1.04 -25.80 10.55
C SER B 78 1.74 -25.46 9.24
N LEU B 79 3.08 -25.49 9.30
CA LEU B 79 4.00 -25.30 8.20
C LEU B 79 4.75 -26.64 8.04
N TYR B 80 4.98 -27.06 6.80
CA TYR B 80 5.69 -28.31 6.53
C TYR B 80 6.92 -28.17 5.59
N LEU B 81 7.84 -29.16 5.66
CA LEU B 81 8.98 -29.26 4.76
C LEU B 81 9.18 -30.72 4.37
N GLN B 82 8.75 -31.08 3.16
CA GLN B 82 8.95 -32.41 2.62
C GLN B 82 10.37 -32.39 2.07
N MET B 83 11.25 -33.22 2.64
CA MET B 83 12.66 -33.31 2.25
C MET B 83 12.91 -34.70 1.65
N ASN B 84 13.10 -34.75 0.34
CA ASN B 84 13.37 -35.98 -0.39
C ASN B 84 14.79 -35.95 -0.91
N SER B 85 15.36 -37.13 -1.23
CA SER B 85 16.73 -37.28 -1.77
C SER B 85 17.75 -36.52 -0.90
N LEU B 86 17.62 -36.69 0.41
CA LEU B 86 18.49 -36.09 1.42
C LEU B 86 19.95 -36.44 1.21
N ARG B 87 20.81 -35.46 1.42
CA ARG B 87 22.24 -35.55 1.28
C ARG B 87 22.91 -35.21 2.62
N VAL B 88 24.14 -35.73 2.86
CA VAL B 88 24.99 -35.47 4.05
C VAL B 88 25.07 -33.94 4.37
N GLU B 89 25.11 -33.09 3.33
CA GLU B 89 25.18 -31.62 3.39
C GLU B 89 23.87 -31.02 3.91
N ASP B 90 22.78 -31.81 3.94
CA ASP B 90 21.51 -31.27 4.46
C ASP B 90 21.46 -31.39 5.99
N THR B 91 22.52 -32.01 6.60
CA THR B 91 22.65 -32.16 8.06
C THR B 91 22.73 -30.76 8.68
N ALA B 92 21.70 -30.41 9.48
CA ALA B 92 21.51 -29.14 10.14
C ALA B 92 20.38 -29.17 11.16
N VAL B 93 20.24 -28.06 11.90
CA VAL B 93 19.12 -27.73 12.77
C VAL B 93 18.17 -26.86 11.88
N TYR B 94 16.93 -27.33 11.66
CA TYR B 94 15.96 -26.62 10.85
C TYR B 94 14.98 -25.87 11.71
N TYR B 95 14.93 -24.55 11.46
CA TYR B 95 14.04 -23.66 12.19
C TYR B 95 12.94 -23.17 11.32
N CYS B 96 11.69 -23.13 11.86
CA CYS B 96 10.64 -22.42 11.14
C CYS B 96 10.57 -21.05 11.82
N VAL B 97 10.35 -20.04 10.99
CA VAL B 97 10.37 -18.62 11.39
C VAL B 97 9.17 -17.89 10.77
N ARG B 98 8.62 -16.88 11.47
CA ARG B 98 7.59 -16.07 10.85
C ARG B 98 8.17 -14.74 10.45
N ASP B 99 7.73 -14.22 9.29
CA ASP B 99 8.21 -12.97 8.71
C ASP B 99 7.43 -11.76 9.25
N TYR B 100 8.16 -10.68 9.54
CA TYR B 100 7.52 -9.46 9.99
C TYR B 100 6.71 -8.86 8.83
N TYR B 101 5.62 -8.14 9.16
CA TYR B 101 4.81 -7.41 8.19
C TYR B 101 4.21 -6.20 8.83
N ASP B 102 3.88 -5.20 8.02
CA ASP B 102 3.29 -3.91 8.41
C ASP B 102 2.06 -3.75 7.54
N ILE B 103 1.15 -2.91 7.99
CA ILE B 103 0.00 -2.47 7.20
C ILE B 103 0.16 -0.94 7.14
N LEU B 104 0.55 -0.45 5.98
CA LEU B 104 0.82 0.96 5.72
C LEU B 104 0.01 1.39 4.48
N THR B 105 -0.83 2.46 4.62
CA THR B 105 -1.73 3.00 3.58
C THR B 105 -2.82 1.93 3.24
N ASP B 106 -3.01 0.97 4.19
CA ASP B 106 -3.89 -0.19 4.10
C ASP B 106 -3.45 -1.14 2.96
N TYR B 107 -2.13 -1.38 2.87
CA TYR B 107 -1.46 -2.35 1.97
C TYR B 107 -0.61 -3.24 2.87
N TYR B 108 -0.58 -4.54 2.57
CA TYR B 108 0.21 -5.52 3.35
C TYR B 108 1.67 -5.49 2.89
N ILE B 109 2.58 -5.05 3.77
CA ILE B 109 3.99 -5.00 3.42
C ILE B 109 4.76 -6.11 4.10
N HIS B 110 5.11 -7.12 3.33
CA HIS B 110 5.91 -8.22 3.83
C HIS B 110 7.37 -7.78 3.92
N TYR B 111 8.08 -8.22 4.97
CA TYR B 111 9.51 -7.94 5.15
C TYR B 111 10.21 -9.27 5.36
N TRP B 112 11.23 -9.56 4.58
CA TRP B 112 11.92 -10.84 4.63
C TRP B 112 12.93 -10.95 5.81
N TYR B 113 12.43 -10.77 7.04
CA TYR B 113 13.18 -10.94 8.29
C TYR B 113 12.25 -11.55 9.31
N PHE B 114 12.85 -12.18 10.31
CA PHE B 114 12.20 -13.11 11.17
C PHE B 114 12.06 -12.64 12.61
N ASP B 115 10.80 -12.26 12.99
CA ASP B 115 10.49 -11.73 14.33
C ASP B 115 10.12 -12.85 15.35
N LEU B 116 10.02 -14.12 14.91
CA LEU B 116 9.71 -15.27 15.76
C LEU B 116 10.37 -16.52 15.21
N TRP B 117 11.06 -17.30 16.07
CA TRP B 117 11.78 -18.53 15.75
C TRP B 117 11.31 -19.71 16.58
N GLY B 118 11.26 -20.90 15.98
CA GLY B 118 10.95 -22.12 16.71
C GLY B 118 12.19 -22.55 17.48
N ARG B 119 12.12 -23.63 18.28
CA ARG B 119 13.30 -24.12 19.01
C ARG B 119 14.29 -24.86 18.08
N GLY B 120 13.80 -25.29 16.91
CA GLY B 120 14.54 -26.06 15.93
C GLY B 120 14.39 -27.57 16.11
N THR B 121 14.62 -28.33 15.02
CA THR B 121 14.56 -29.79 14.98
C THR B 121 15.80 -30.30 14.20
N LEU B 122 16.60 -31.22 14.80
CA LEU B 122 17.82 -31.76 14.19
C LEU B 122 17.53 -32.80 13.16
N VAL B 123 18.17 -32.66 12.00
CA VAL B 123 18.12 -33.56 10.85
C VAL B 123 19.57 -33.99 10.60
N THR B 124 19.84 -35.27 10.82
CA THR B 124 21.17 -35.87 10.61
C THR B 124 21.09 -36.83 9.43
N VAL B 125 21.80 -36.53 8.34
CA VAL B 125 21.86 -37.42 7.17
C VAL B 125 23.24 -38.09 7.21
N SER B 126 23.28 -39.40 7.52
CA SER B 126 24.54 -40.17 7.62
C SER B 126 24.31 -41.63 7.34
N SER B 127 25.24 -42.26 6.61
CA SER B 127 25.14 -43.68 6.31
C SER B 127 25.70 -44.59 7.41
N HIS B 128 26.63 -44.08 8.25
CA HIS B 128 27.25 -44.85 9.34
C HIS B 128 27.27 -44.04 10.63
N ARG C 26 -28.38 -4.16 -33.13
CA ARG C 26 -29.61 -4.47 -32.40
C ARG C 26 -29.55 -3.99 -30.93
N THR C 27 -30.73 -3.75 -30.34
CA THR C 27 -30.92 -3.31 -28.96
C THR C 27 -31.42 -4.47 -28.08
N VAL C 28 -30.80 -4.66 -26.90
CA VAL C 28 -31.10 -5.70 -25.90
C VAL C 28 -31.37 -5.04 -24.52
N MET C 29 -32.40 -5.50 -23.78
CA MET C 29 -32.70 -4.96 -22.44
C MET C 29 -31.77 -5.61 -21.41
N VAL C 30 -31.15 -4.81 -20.53
CA VAL C 30 -30.17 -5.31 -19.56
C VAL C 30 -30.50 -4.90 -18.09
N ASN C 31 -30.56 -5.89 -17.16
CA ASN C 31 -30.73 -5.66 -15.71
C ASN C 31 -29.35 -5.21 -15.14
N LEU C 32 -29.24 -4.72 -13.88
CA LEU C 32 -27.91 -4.29 -13.41
C LEU C 32 -27.46 -4.80 -12.01
N ASN C 33 -26.14 -5.18 -11.94
CA ASN C 33 -25.33 -5.68 -10.81
C ASN C 33 -23.92 -5.01 -10.85
N SER C 46 -4.54 -7.97 -2.32
CA SER C 46 -4.04 -7.83 -3.70
C SER C 46 -2.73 -8.62 -3.97
N SER C 47 -1.97 -8.88 -2.85
CA SER C 47 -0.63 -9.50 -2.69
C SER C 47 0.47 -8.50 -3.14
N ASP C 48 0.02 -7.23 -3.46
CA ASP C 48 0.70 -6.04 -3.96
C ASP C 48 1.84 -6.39 -4.93
N TYR C 49 1.45 -6.97 -6.08
CA TYR C 49 2.43 -7.35 -7.08
C TYR C 49 3.04 -6.11 -7.71
N TYR C 50 2.30 -4.98 -7.73
CA TYR C 50 2.73 -3.75 -8.40
C TYR C 50 4.06 -3.24 -7.87
N ASN C 51 4.38 -3.58 -6.60
CA ASN C 51 5.58 -3.22 -5.84
C ASN C 51 6.56 -4.37 -5.74
N ARG C 52 6.08 -5.62 -5.71
CA ARG C 52 7.01 -6.76 -5.55
C ARG C 52 7.52 -7.30 -6.90
N SER C 53 6.90 -6.84 -8.01
CA SER C 53 7.26 -7.21 -9.36
C SER C 53 8.60 -6.64 -9.78
N THR C 54 9.33 -7.39 -10.63
CA THR C 54 10.59 -7.04 -11.27
C THR C 54 10.32 -6.06 -12.42
N SER C 55 9.04 -5.98 -12.89
CA SER C 55 8.61 -4.96 -13.84
C SER C 55 7.52 -4.17 -13.07
N PRO C 56 7.88 -3.42 -11.98
CA PRO C 56 6.84 -2.72 -11.18
C PRO C 56 6.00 -1.72 -11.95
N TRP C 57 4.84 -1.34 -11.38
CA TRP C 57 3.98 -0.35 -12.03
C TRP C 57 3.26 0.57 -11.06
N ASN C 58 2.74 1.69 -11.60
CA ASN C 58 1.91 2.67 -10.92
C ASN C 58 0.57 2.67 -11.59
N LEU C 59 -0.46 3.06 -10.86
CA LEU C 59 -1.81 3.19 -11.35
C LEU C 59 -2.11 4.66 -11.58
N HIS C 60 -2.73 4.96 -12.73
CA HIS C 60 -3.12 6.31 -13.15
C HIS C 60 -4.61 6.29 -13.31
N ARG C 61 -5.29 7.27 -12.72
CA ARG C 61 -6.76 7.31 -12.77
C ARG C 61 -7.27 7.78 -14.11
N ASN C 62 -8.34 7.17 -14.58
CA ASN C 62 -9.01 7.50 -15.84
C ASN C 62 -10.49 7.59 -15.55
N GLU C 63 -11.05 8.83 -15.58
CA GLU C 63 -12.46 9.06 -15.29
C GLU C 63 -13.27 9.58 -16.50
N ASP C 64 -14.48 9.02 -16.70
CA ASP C 64 -15.49 9.47 -17.70
C ASP C 64 -16.86 9.35 -16.98
N PRO C 65 -17.60 10.45 -16.71
CA PRO C 65 -18.89 10.29 -16.00
C PRO C 65 -19.97 9.66 -16.87
N GLU C 66 -19.66 9.39 -18.14
CA GLU C 66 -20.59 8.85 -19.12
C GLU C 66 -20.36 7.39 -19.44
N ARG C 67 -19.31 6.83 -18.84
CA ARG C 67 -18.90 5.46 -19.01
C ARG C 67 -19.19 4.65 -17.75
N TYR C 68 -19.48 3.35 -17.92
CA TYR C 68 -19.67 2.43 -16.81
C TYR C 68 -18.69 1.27 -17.07
N PRO C 69 -17.63 1.05 -16.26
CA PRO C 69 -17.21 1.79 -15.05
C PRO C 69 -16.81 3.25 -15.36
N SER C 70 -17.17 4.21 -14.50
CA SER C 70 -16.79 5.60 -14.76
C SER C 70 -15.33 5.89 -14.43
N VAL C 71 -14.75 5.04 -13.57
CA VAL C 71 -13.36 5.12 -13.13
C VAL C 71 -12.66 3.81 -13.49
N ILE C 72 -11.50 3.93 -14.12
CA ILE C 72 -10.64 2.82 -14.47
C ILE C 72 -9.23 3.31 -14.10
N TRP C 73 -8.56 2.55 -13.21
CA TRP C 73 -7.17 2.79 -12.83
C TRP C 73 -6.31 1.97 -13.79
N GLU C 74 -5.38 2.64 -14.50
CA GLU C 74 -4.58 2.00 -15.56
C GLU C 74 -3.12 1.93 -15.23
N ALA C 75 -2.50 0.78 -15.49
CA ALA C 75 -1.10 0.57 -15.14
C ALA C 75 -0.10 1.25 -16.05
N LYS C 76 0.96 1.82 -15.46
CA LYS C 76 2.07 2.40 -16.20
C LYS C 76 3.37 1.87 -15.59
N CYS C 77 4.24 1.29 -16.43
CA CYS C 77 5.48 0.71 -15.94
C CYS C 77 6.36 1.77 -15.38
N ARG C 78 6.98 1.47 -14.26
CA ARG C 78 7.84 2.44 -13.57
C ARG C 78 9.13 2.64 -14.28
N HIS C 79 9.63 1.63 -15.00
CA HIS C 79 10.94 1.70 -15.65
C HIS C 79 10.91 1.27 -17.05
N LEU C 80 12.00 1.51 -17.76
CA LEU C 80 12.19 0.99 -19.11
C LEU C 80 12.71 -0.45 -18.95
N GLY C 81 13.74 -0.65 -18.13
CA GLY C 81 14.23 -1.98 -17.87
C GLY C 81 13.46 -2.66 -16.74
N CYS C 82 14.03 -3.74 -16.22
CA CYS C 82 13.46 -4.49 -15.11
C CYS C 82 14.36 -4.35 -13.92
N ILE C 83 13.81 -4.54 -12.74
CA ILE C 83 14.55 -4.60 -11.49
C ILE C 83 15.09 -6.00 -11.38
N ASN C 84 16.40 -6.13 -11.21
CA ASN C 84 17.02 -7.44 -11.01
C ASN C 84 16.83 -7.85 -9.55
N ALA C 85 17.31 -9.07 -9.18
CA ALA C 85 17.18 -9.59 -7.83
C ALA C 85 17.78 -8.70 -6.75
N ASP C 86 18.81 -7.88 -7.10
CA ASP C 86 19.48 -6.96 -6.18
C ASP C 86 18.78 -5.60 -6.05
N GLY C 87 17.72 -5.37 -6.84
CA GLY C 87 16.95 -4.14 -6.78
C GLY C 87 17.41 -3.07 -7.75
N ASN C 88 18.34 -3.42 -8.66
CA ASN C 88 18.87 -2.51 -9.67
C ASN C 88 18.22 -2.65 -11.01
N VAL C 89 18.09 -1.53 -11.73
CA VAL C 89 17.52 -1.45 -13.09
C VAL C 89 18.48 -2.13 -14.06
N ASP C 90 17.93 -2.97 -14.91
CA ASP C 90 18.68 -3.80 -15.82
C ASP C 90 18.11 -3.59 -17.23
N TYR C 91 18.99 -3.26 -18.18
CA TYR C 91 18.57 -3.00 -19.56
C TYR C 91 18.83 -4.16 -20.51
N HIS C 92 18.99 -5.38 -19.97
CA HIS C 92 19.09 -6.63 -20.73
C HIS C 92 17.67 -7.16 -20.87
N MET C 93 16.71 -6.52 -20.18
CA MET C 93 15.28 -6.82 -20.17
C MET C 93 14.49 -5.55 -20.09
N ASN C 94 13.17 -5.63 -20.34
CA ASN C 94 12.29 -4.47 -20.35
C ASN C 94 10.98 -4.70 -19.65
N SER C 95 10.42 -3.66 -19.04
CA SER C 95 9.08 -3.72 -18.47
C SER C 95 8.15 -3.35 -19.60
N VAL C 96 7.10 -4.13 -19.83
CA VAL C 96 6.16 -3.83 -20.92
C VAL C 96 4.75 -3.98 -20.34
N PRO C 97 3.75 -3.15 -20.70
CA PRO C 97 2.42 -3.32 -20.08
C PRO C 97 1.58 -4.40 -20.71
N ILE C 98 0.76 -5.08 -19.89
CA ILE C 98 -0.21 -6.09 -20.31
C ILE C 98 -1.54 -5.37 -20.52
N GLN C 99 -1.91 -5.25 -21.78
CA GLN C 99 -3.14 -4.61 -22.25
C GLN C 99 -4.26 -5.65 -22.39
N GLN C 100 -5.50 -5.22 -22.18
CA GLN C 100 -6.67 -6.09 -22.27
C GLN C 100 -7.85 -5.34 -22.81
N GLU C 101 -8.60 -6.02 -23.68
CA GLU C 101 -9.81 -5.51 -24.31
C GLU C 101 -10.98 -5.82 -23.36
N ILE C 102 -11.68 -4.75 -22.93
CA ILE C 102 -12.79 -4.88 -21.97
C ILE C 102 -14.09 -4.28 -22.49
N LEU C 103 -15.24 -4.71 -21.92
CA LEU C 103 -16.55 -4.15 -22.26
C LEU C 103 -16.84 -3.08 -21.26
N VAL C 104 -17.42 -1.99 -21.76
CA VAL C 104 -17.87 -0.83 -20.98
C VAL C 104 -19.25 -0.39 -21.53
N LEU C 105 -20.08 0.21 -20.66
CA LEU C 105 -21.34 0.80 -21.09
C LEU C 105 -21.02 2.26 -21.33
N ARG C 106 -21.71 2.89 -22.25
CA ARG C 106 -21.47 4.29 -22.55
C ARG C 106 -22.79 4.96 -22.91
N ARG C 107 -23.10 6.12 -22.27
CA ARG C 107 -24.32 6.89 -22.49
C ARG C 107 -24.41 7.33 -23.93
N GLU C 108 -25.60 7.17 -24.58
CA GLU C 108 -25.76 7.57 -25.97
C GLU C 108 -26.95 8.50 -26.26
N PRO C 109 -26.71 9.80 -26.59
CA PRO C 109 -25.41 10.44 -26.83
C PRO C 109 -24.82 11.45 -25.78
N PRO C 110 -25.35 11.88 -24.58
CA PRO C 110 -26.58 11.51 -23.85
C PRO C 110 -27.84 12.30 -24.19
N PRO C 113 -28.53 9.36 -20.75
CA PRO C 113 -28.45 8.64 -19.47
C PRO C 113 -29.50 7.54 -19.31
N ASN C 114 -30.45 7.44 -20.28
CA ASN C 114 -31.52 6.43 -20.35
C ASN C 114 -31.09 5.24 -21.24
N SER C 115 -30.73 5.52 -22.52
CA SER C 115 -30.22 4.52 -23.45
C SER C 115 -28.69 4.43 -23.32
N PHE C 116 -28.15 3.23 -23.55
CA PHE C 116 -26.72 2.93 -23.44
C PHE C 116 -26.20 2.16 -24.63
N ARG C 117 -24.89 2.25 -24.87
CA ARG C 117 -24.18 1.55 -25.93
C ARG C 117 -23.11 0.67 -25.31
N LEU C 118 -22.98 -0.57 -25.78
CA LEU C 118 -21.94 -1.46 -25.30
C LEU C 118 -20.73 -1.19 -26.18
N GLU C 119 -19.61 -0.88 -25.56
CA GLU C 119 -18.39 -0.49 -26.24
C GLU C 119 -17.24 -1.33 -25.75
N LYS C 120 -16.13 -1.36 -26.48
CA LYS C 120 -14.99 -2.13 -26.01
C LYS C 120 -13.72 -1.28 -26.14
N ILE C 121 -12.95 -1.23 -25.02
CA ILE C 121 -11.75 -0.41 -24.90
C ILE C 121 -10.52 -1.19 -24.45
N LEU C 122 -9.32 -0.62 -24.72
CA LEU C 122 -8.04 -1.19 -24.38
C LEU C 122 -7.54 -0.62 -23.07
N VAL C 123 -7.22 -1.51 -22.15
CA VAL C 123 -6.85 -1.14 -20.79
C VAL C 123 -5.55 -1.85 -20.33
N SER C 124 -4.66 -1.08 -19.74
CA SER C 124 -3.38 -1.49 -19.21
C SER C 124 -3.63 -2.01 -17.79
N VAL C 125 -3.35 -3.27 -17.58
CA VAL C 125 -3.70 -3.96 -16.33
C VAL C 125 -2.53 -4.12 -15.37
N GLY C 126 -1.35 -4.25 -15.90
CA GLY C 126 -0.14 -4.50 -15.13
C GLY C 126 1.04 -4.55 -16.07
N CYS C 127 2.22 -4.88 -15.57
CA CYS C 127 3.44 -4.96 -16.40
C CYS C 127 4.09 -6.31 -16.24
N THR C 128 4.81 -6.75 -17.27
CA THR C 128 5.60 -7.97 -17.27
C THR C 128 7.00 -7.63 -17.69
N CYS C 129 7.94 -8.57 -17.52
CA CYS C 129 9.33 -8.33 -17.89
C CYS C 129 9.64 -9.22 -19.02
N VAL C 130 10.07 -8.63 -20.15
CA VAL C 130 10.42 -9.40 -21.34
C VAL C 130 11.89 -9.19 -21.70
N THR C 131 12.42 -10.02 -22.61
CA THR C 131 13.77 -9.85 -23.19
C THR C 131 13.57 -10.01 -24.70
N PRO C 132 14.56 -9.69 -25.58
CA PRO C 132 14.32 -9.90 -27.02
C PRO C 132 14.21 -11.39 -27.41
N ILE C 133 14.44 -12.34 -26.49
CA ILE C 133 14.46 -13.79 -26.80
C ILE C 133 13.12 -14.53 -26.62
N VAL C 134 12.77 -15.34 -27.62
CA VAL C 134 11.57 -16.16 -27.62
C VAL C 134 11.95 -17.56 -27.13
N HIS C 135 11.42 -17.91 -25.97
CA HIS C 135 11.60 -19.18 -25.27
C HIS C 135 10.21 -19.88 -25.39
N HIS C 136 10.06 -20.75 -26.46
CA HIS C 136 8.86 -21.51 -26.86
C HIS C 136 8.11 -22.25 -25.73
N GLU D 1 4.05 13.09 -7.55
CA GLU D 1 2.64 12.86 -7.24
C GLU D 1 1.78 14.01 -7.74
N VAL D 2 0.48 13.76 -7.90
CA VAL D 2 -0.50 14.78 -8.27
C VAL D 2 -0.63 15.78 -7.12
N GLN D 3 -0.44 17.06 -7.46
CA GLN D 3 -0.54 18.19 -6.57
C GLN D 3 -1.37 19.24 -7.27
N LEU D 4 -2.24 19.88 -6.50
CA LEU D 4 -3.09 20.96 -6.96
C LEU D 4 -2.99 22.04 -5.88
N VAL D 5 -2.49 23.22 -6.27
CA VAL D 5 -2.29 24.31 -5.34
C VAL D 5 -3.10 25.56 -5.72
N GLU D 6 -4.19 25.82 -4.97
CA GLU D 6 -4.99 27.04 -5.18
C GLU D 6 -4.35 28.27 -4.51
N SER D 7 -4.59 29.44 -5.10
CA SER D 7 -4.17 30.74 -4.60
C SER D 7 -5.12 31.77 -5.14
N GLY D 8 -5.07 33.00 -4.61
CA GLY D 8 -5.92 34.08 -5.10
C GLY D 8 -6.96 34.58 -4.14
N GLY D 9 -7.30 33.76 -3.16
CA GLY D 9 -8.29 34.08 -2.14
C GLY D 9 -7.94 35.31 -1.33
N ASP D 10 -8.90 36.20 -1.21
CA ASP D 10 -8.70 37.45 -0.51
C ASP D 10 -10.00 37.92 0.11
N LEU D 11 -9.95 39.07 0.82
CA LEU D 11 -11.09 39.73 1.39
C LEU D 11 -11.47 40.81 0.38
N VAL D 12 -12.67 40.66 -0.17
CA VAL D 12 -13.19 41.51 -1.22
C VAL D 12 -14.56 42.04 -0.81
N GLN D 13 -14.89 43.27 -1.24
CA GLN D 13 -16.18 43.90 -0.97
C GLN D 13 -17.24 43.41 -1.97
N PRO D 14 -18.55 43.47 -1.60
CA PRO D 14 -19.57 43.02 -2.55
C PRO D 14 -19.56 43.89 -3.81
N GLY D 15 -19.61 43.24 -4.96
CA GLY D 15 -19.57 43.89 -6.27
C GLY D 15 -18.19 43.82 -6.89
N GLY D 16 -17.20 43.41 -6.09
CA GLY D 16 -15.81 43.29 -6.52
C GLY D 16 -15.51 42.05 -7.34
N SER D 17 -14.27 41.96 -7.83
CA SER D 17 -13.77 40.86 -8.64
C SER D 17 -12.58 40.22 -7.97
N LEU D 18 -12.36 38.95 -8.27
CA LEU D 18 -11.22 38.20 -7.78
C LEU D 18 -10.95 37.09 -8.77
N ARG D 19 -9.67 36.86 -9.10
CA ARG D 19 -9.26 35.77 -9.98
C ARG D 19 -8.45 34.77 -9.17
N LEU D 20 -8.95 33.51 -9.11
CA LEU D 20 -8.29 32.41 -8.42
C LEU D 20 -7.47 31.63 -9.41
N SER D 21 -6.34 31.10 -8.95
CA SER D 21 -5.44 30.24 -9.71
C SER D 21 -5.39 28.89 -9.01
N CYS D 22 -5.08 27.86 -9.78
CA CYS D 22 -4.87 26.52 -9.27
C CYS D 22 -3.70 25.98 -10.11
N ALA D 23 -2.55 25.79 -9.47
CA ALA D 23 -1.33 25.32 -10.12
C ALA D 23 -1.20 23.80 -9.95
N ALA D 24 -1.16 23.09 -11.09
CA ALA D 24 -1.09 21.65 -11.10
C ALA D 24 0.31 21.12 -11.39
N SER D 25 0.60 19.92 -10.86
CA SER D 25 1.83 19.18 -11.09
C SER D 25 1.63 17.68 -10.82
N GLY D 26 2.46 16.85 -11.43
CA GLY D 26 2.47 15.40 -11.26
C GLY D 26 1.69 14.60 -12.26
N PHE D 27 1.11 15.28 -13.28
CA PHE D 27 0.28 14.68 -14.34
C PHE D 27 0.29 15.59 -15.59
N THR D 28 -0.13 15.06 -16.75
CA THR D 28 -0.20 15.85 -17.99
C THR D 28 -1.46 16.69 -17.93
N PHE D 29 -1.35 17.89 -17.35
CA PHE D 29 -2.48 18.80 -17.15
C PHE D 29 -3.48 18.85 -18.36
N SER D 30 -2.96 18.98 -19.60
CA SER D 30 -3.74 19.08 -20.83
C SER D 30 -4.63 17.86 -21.18
N SER D 31 -4.49 16.73 -20.45
CA SER D 31 -5.19 15.47 -20.71
C SER D 31 -6.44 15.30 -19.88
N TYR D 32 -6.66 16.20 -18.91
CA TYR D 32 -7.74 16.08 -17.94
C TYR D 32 -8.69 17.26 -17.82
N TRP D 33 -9.97 16.97 -17.46
CA TRP D 33 -10.91 18.03 -17.15
C TRP D 33 -10.53 18.53 -15.76
N MET D 34 -10.88 19.77 -15.48
CA MET D 34 -10.63 20.35 -14.15
C MET D 34 -11.91 20.89 -13.67
N SER D 35 -12.11 20.94 -12.34
CA SER D 35 -13.34 21.42 -11.67
C SER D 35 -13.01 22.39 -10.53
N TRP D 36 -14.05 23.18 -10.13
CA TRP D 36 -14.06 24.09 -8.97
C TRP D 36 -15.28 23.68 -8.14
N VAL D 37 -15.06 23.37 -6.86
CA VAL D 37 -16.07 23.03 -5.86
C VAL D 37 -15.84 24.02 -4.70
N ARG D 38 -16.89 24.62 -4.16
CA ARG D 38 -16.74 25.55 -3.04
C ARG D 38 -17.47 25.05 -1.79
N GLN D 39 -17.12 25.63 -0.65
CA GLN D 39 -17.73 25.30 0.62
C GLN D 39 -17.82 26.53 1.52
N ALA D 40 -19.03 27.04 1.73
CA ALA D 40 -19.26 28.22 2.58
C ALA D 40 -18.92 27.89 4.04
N PRO D 41 -18.38 28.85 4.84
CA PRO D 41 -18.01 28.53 6.23
C PRO D 41 -19.12 27.89 7.04
N GLY D 42 -18.87 26.66 7.52
CA GLY D 42 -19.79 25.83 8.31
C GLY D 42 -20.89 25.12 7.52
N LYS D 43 -20.84 25.22 6.17
CA LYS D 43 -21.83 24.67 5.24
C LYS D 43 -21.26 23.54 4.40
N GLY D 44 -22.10 22.92 3.57
CA GLY D 44 -21.70 21.78 2.75
C GLY D 44 -20.99 22.16 1.46
N LEU D 45 -20.66 21.15 0.66
CA LEU D 45 -20.00 21.28 -0.64
C LEU D 45 -21.01 21.69 -1.73
N GLU D 46 -20.55 22.55 -2.66
CA GLU D 46 -21.32 23.05 -3.81
C GLU D 46 -20.40 23.04 -5.03
N TRP D 47 -20.75 22.27 -6.09
CA TRP D 47 -20.01 22.22 -7.36
C TRP D 47 -20.30 23.55 -8.07
N VAL D 48 -19.25 24.19 -8.60
CA VAL D 48 -19.28 25.51 -9.22
C VAL D 48 -19.17 25.44 -10.74
N ALA D 49 -18.08 24.87 -11.26
CA ALA D 49 -17.80 24.78 -12.68
C ALA D 49 -16.80 23.67 -13.00
N ASN D 50 -16.72 23.30 -14.28
CA ASN D 50 -15.71 22.41 -14.83
C ASN D 50 -15.32 22.89 -16.24
N ILE D 51 -14.21 22.38 -16.80
CA ILE D 51 -13.66 22.78 -18.10
C ILE D 51 -12.96 21.59 -18.81
N LYS D 52 -13.26 21.38 -20.10
CA LYS D 52 -12.69 20.33 -20.98
C LYS D 52 -11.16 20.55 -21.11
N GLN D 53 -10.41 19.54 -21.55
CA GLN D 53 -8.94 19.61 -21.71
C GLN D 53 -8.49 20.77 -22.57
N ASP D 54 -9.16 20.99 -23.70
CA ASP D 54 -8.86 22.02 -24.68
C ASP D 54 -9.65 23.31 -24.41
N GLY D 55 -10.39 23.33 -23.29
CA GLY D 55 -11.21 24.46 -22.85
C GLY D 55 -12.42 24.79 -23.70
N SER D 56 -12.75 23.90 -24.65
CA SER D 56 -13.85 24.03 -25.60
C SER D 56 -15.24 23.80 -25.00
N GLU D 57 -15.34 23.36 -23.75
CA GLU D 57 -16.59 23.10 -23.06
C GLU D 57 -16.42 23.51 -21.64
N LYS D 58 -17.35 24.32 -21.15
CA LYS D 58 -17.38 24.81 -19.78
C LYS D 58 -18.79 24.58 -19.23
N TYR D 59 -18.90 24.24 -17.93
CA TYR D 59 -20.23 24.04 -17.32
C TYR D 59 -20.26 24.77 -16.01
N TYR D 60 -21.40 25.44 -15.71
CA TYR D 60 -21.54 26.26 -14.51
C TYR D 60 -22.79 25.96 -13.66
N VAL D 61 -22.69 26.20 -12.34
CA VAL D 61 -23.82 26.12 -11.42
C VAL D 61 -24.60 27.41 -11.71
N ASP D 62 -25.94 27.33 -11.79
CA ASP D 62 -26.78 28.47 -12.19
C ASP D 62 -26.45 29.80 -11.51
N SER D 63 -26.27 29.77 -10.17
CA SER D 63 -25.97 30.91 -9.33
C SER D 63 -24.69 31.70 -9.73
N VAL D 64 -23.79 31.12 -10.56
CA VAL D 64 -22.54 31.79 -10.95
C VAL D 64 -22.50 32.24 -12.44
N LYS D 65 -23.50 31.83 -13.27
CA LYS D 65 -23.58 32.20 -14.70
C LYS D 65 -23.59 33.73 -14.91
N GLY D 66 -22.80 34.18 -15.89
CA GLY D 66 -22.60 35.58 -16.21
C GLY D 66 -21.39 36.17 -15.51
N ARG D 67 -21.35 35.98 -14.17
CA ARG D 67 -20.35 36.46 -13.21
C ARG D 67 -19.01 35.73 -13.27
N PHE D 68 -19.01 34.41 -13.00
CA PHE D 68 -17.83 33.55 -12.99
C PHE D 68 -17.48 32.99 -14.39
N THR D 69 -16.14 32.85 -14.65
CA THR D 69 -15.58 32.31 -15.89
C THR D 69 -14.41 31.37 -15.59
N ILE D 70 -14.62 30.10 -15.94
CA ILE D 70 -13.59 29.10 -15.80
C ILE D 70 -12.72 29.20 -17.07
N SER D 71 -11.41 29.02 -16.93
CA SER D 71 -10.40 29.08 -18.00
C SER D 71 -9.18 28.29 -17.56
N ARG D 72 -8.35 27.91 -18.53
CA ARG D 72 -7.14 27.16 -18.25
C ARG D 72 -6.04 27.61 -19.19
N ASP D 73 -4.79 27.46 -18.77
CA ASP D 73 -3.60 27.75 -19.58
C ASP D 73 -2.71 26.52 -19.43
N ASN D 74 -2.92 25.53 -20.32
CA ASN D 74 -2.19 24.26 -20.30
C ASN D 74 -0.68 24.44 -20.31
N ALA D 75 -0.16 25.47 -21.02
CA ALA D 75 1.27 25.80 -21.04
C ALA D 75 1.80 26.03 -19.62
N LYS D 76 1.03 26.76 -18.78
CA LYS D 76 1.35 27.15 -17.41
C LYS D 76 0.78 26.20 -16.36
N ASN D 77 0.19 25.05 -16.79
CA ASN D 77 -0.41 24.02 -15.93
C ASN D 77 -1.34 24.61 -14.89
N SER D 78 -2.14 25.58 -15.32
CA SER D 78 -3.01 26.34 -14.43
C SER D 78 -4.48 26.43 -14.84
N LEU D 79 -5.35 26.32 -13.83
CA LEU D 79 -6.79 26.45 -13.90
C LEU D 79 -7.12 27.82 -13.31
N TYR D 80 -8.12 28.51 -13.86
CA TYR D 80 -8.51 29.85 -13.38
C TYR D 80 -10.01 29.97 -13.13
N LEU D 81 -10.36 30.86 -12.20
CA LEU D 81 -11.73 31.23 -11.91
C LEU D 81 -11.81 32.74 -11.75
N GLN D 82 -12.32 33.41 -12.78
CA GLN D 82 -12.52 34.85 -12.74
C GLN D 82 -13.91 35.04 -12.13
N MET D 83 -13.96 35.70 -10.98
CA MET D 83 -15.19 35.93 -10.23
C MET D 83 -15.55 37.40 -10.20
N ASN D 84 -16.49 37.82 -11.08
CA ASN D 84 -16.94 39.21 -11.13
C ASN D 84 -18.23 39.40 -10.33
N SER D 85 -18.69 40.67 -10.14
CA SER D 85 -19.91 41.04 -9.40
C SER D 85 -20.16 40.16 -8.15
N LEU D 86 -19.10 39.94 -7.34
CA LEU D 86 -19.13 39.10 -6.14
C LEU D 86 -20.24 39.49 -5.15
N ARG D 87 -21.04 38.49 -4.78
CA ARG D 87 -22.14 38.59 -3.83
C ARG D 87 -21.63 38.02 -2.51
N ALA D 88 -22.33 38.28 -1.40
CA ALA D 88 -22.01 37.81 -0.07
C ALA D 88 -22.04 36.27 -0.02
N GLU D 89 -23.04 35.65 -0.71
CA GLU D 89 -23.24 34.19 -0.84
C GLU D 89 -22.04 33.49 -1.46
N ASP D 90 -21.14 34.24 -2.14
CA ASP D 90 -19.95 33.65 -2.74
C ASP D 90 -18.85 33.36 -1.71
N THR D 91 -19.02 33.80 -0.43
CA THR D 91 -18.04 33.51 0.62
C THR D 91 -17.92 31.98 0.82
N ALA D 92 -16.72 31.48 0.56
CA ALA D 92 -16.42 30.06 0.65
C ALA D 92 -14.93 29.83 0.47
N VAL D 93 -14.50 28.61 0.82
CA VAL D 93 -13.19 28.06 0.51
C VAL D 93 -13.48 27.43 -0.86
N TYR D 94 -12.71 27.80 -1.87
CA TYR D 94 -12.83 27.26 -3.23
C TYR D 94 -11.74 26.25 -3.39
N TYR D 95 -12.10 25.07 -3.89
CA TYR D 95 -11.20 23.96 -4.15
C TYR D 95 -11.18 23.69 -5.64
N CYS D 96 -10.00 23.37 -6.17
CA CYS D 96 -9.92 22.85 -7.52
C CYS D 96 -9.67 21.34 -7.33
N ALA D 97 -10.28 20.56 -8.21
CA ALA D 97 -10.21 19.11 -8.24
C ALA D 97 -10.10 18.71 -9.69
N ARG D 98 -9.49 17.57 -9.94
CA ARG D 98 -9.31 17.09 -11.29
C ARG D 98 -10.52 16.21 -11.65
N ASP D 99 -10.85 16.10 -12.95
CA ASP D 99 -11.87 15.27 -13.57
C ASP D 99 -13.29 15.84 -13.40
N ARG D 100 -14.33 15.09 -13.82
CA ARG D 100 -15.70 15.56 -13.82
C ARG D 100 -16.64 14.99 -12.77
N GLY D 101 -16.98 13.71 -12.93
CA GLY D 101 -17.99 13.02 -12.13
C GLY D 101 -17.71 12.72 -10.68
N SER D 102 -16.60 12.03 -10.43
CA SER D 102 -16.14 11.64 -9.10
C SER D 102 -14.78 12.30 -8.98
N LEU D 103 -14.57 13.07 -7.92
CA LEU D 103 -13.37 13.87 -7.73
C LEU D 103 -12.42 13.25 -6.73
N TYR D 104 -11.30 12.70 -7.25
CA TYR D 104 -10.30 12.03 -6.43
C TYR D 104 -9.18 12.96 -5.95
N TYR D 105 -8.63 13.76 -6.87
CA TYR D 105 -7.56 14.72 -6.57
C TYR D 105 -8.13 16.10 -6.32
N TRP D 106 -7.90 16.65 -5.13
CA TRP D 106 -8.33 18.00 -4.70
C TRP D 106 -7.10 18.80 -4.28
N GLY D 107 -7.22 20.13 -4.30
CA GLY D 107 -6.21 21.02 -3.75
C GLY D 107 -6.57 21.24 -2.29
N GLN D 108 -5.76 22.02 -1.53
CA GLN D 108 -6.03 22.32 -0.11
C GLN D 108 -7.06 23.47 0.07
N GLY D 109 -7.40 24.15 -1.03
CA GLY D 109 -8.37 25.25 -1.01
C GLY D 109 -7.76 26.62 -0.80
N THR D 110 -8.49 27.66 -1.21
CA THR D 110 -8.20 29.09 -1.10
C THR D 110 -9.47 29.78 -0.59
N LEU D 111 -9.35 30.64 0.46
CA LEU D 111 -10.51 31.29 1.07
C LEU D 111 -10.88 32.60 0.41
N VAL D 112 -12.19 32.76 0.10
CA VAL D 112 -12.73 34.00 -0.47
C VAL D 112 -13.77 34.54 0.50
N THR D 113 -13.50 35.72 1.05
CA THR D 113 -14.42 36.37 1.99
C THR D 113 -15.01 37.61 1.35
N VAL D 114 -16.35 37.61 1.12
CA VAL D 114 -17.08 38.74 0.55
C VAL D 114 -17.84 39.41 1.71
N SER D 115 -17.30 40.54 2.20
CA SER D 115 -17.88 41.29 3.31
C SER D 115 -17.61 42.78 3.20
N SER D 116 -18.59 43.60 3.58
CA SER D 116 -18.45 45.06 3.63
C SER D 116 -18.16 45.50 5.07
N HIS D 117 -17.18 46.43 5.26
CA HIS D 117 -16.76 46.90 6.58
C HIS D 117 -16.41 48.39 6.61
N ALA E 1 -32.22 20.76 -11.97
CA ALA E 1 -31.21 20.48 -10.94
C ALA E 1 -31.68 19.37 -9.98
N ILE E 2 -30.93 18.24 -9.92
CA ILE E 2 -31.26 17.10 -9.04
C ILE E 2 -30.86 17.44 -7.60
N GLN E 3 -31.81 17.44 -6.70
CA GLN E 3 -31.55 17.69 -5.29
C GLN E 3 -31.26 16.35 -4.60
N LEU E 4 -30.23 16.33 -3.76
CA LEU E 4 -29.82 15.13 -3.04
C LEU E 4 -30.09 15.29 -1.56
N THR E 5 -30.90 14.38 -0.99
CA THR E 5 -31.24 14.46 0.42
C THR E 5 -30.56 13.38 1.23
N GLN E 6 -29.77 13.80 2.23
CA GLN E 6 -29.09 12.91 3.17
C GLN E 6 -29.87 12.74 4.48
N SER E 7 -29.70 11.59 5.16
CA SER E 7 -30.37 11.24 6.42
C SER E 7 -29.56 10.18 7.19
N PRO E 8 -29.19 10.41 8.48
CA PRO E 8 -29.47 11.60 9.31
C PRO E 8 -28.55 12.76 8.99
N SER E 9 -28.89 13.96 9.48
CA SER E 9 -28.11 15.18 9.30
C SER E 9 -26.78 15.08 10.08
N SER E 10 -26.82 14.37 11.24
CA SER E 10 -25.73 14.14 12.18
C SER E 10 -26.00 12.83 12.95
N LEU E 11 -24.96 12.25 13.58
CA LEU E 11 -25.06 11.02 14.37
C LEU E 11 -23.86 10.80 15.31
N SER E 12 -24.11 10.00 16.35
CA SER E 12 -23.12 9.64 17.35
C SER E 12 -23.01 8.13 17.42
N ALA E 13 -21.78 7.62 17.48
CA ALA E 13 -21.46 6.19 17.59
C ALA E 13 -20.08 5.98 18.25
N SER E 14 -19.77 4.71 18.60
CA SER E 14 -18.51 4.32 19.22
C SER E 14 -17.72 3.43 18.28
N VAL E 15 -16.44 3.17 18.61
CA VAL E 15 -15.55 2.33 17.80
C VAL E 15 -16.12 0.90 17.74
N GLY E 16 -16.30 0.40 16.52
CA GLY E 16 -16.84 -0.93 16.24
C GLY E 16 -18.28 -0.93 15.75
N ASP E 17 -18.97 0.23 15.82
CA ASP E 17 -20.37 0.41 15.40
C ASP E 17 -20.60 0.30 13.89
N ARG E 18 -21.79 -0.23 13.51
CA ARG E 18 -22.19 -0.34 12.11
C ARG E 18 -23.10 0.85 11.82
N VAL E 19 -22.52 1.83 11.12
CA VAL E 19 -23.10 3.12 10.72
C VAL E 19 -23.66 3.02 9.30
N THR E 20 -24.87 3.60 9.04
CA THR E 20 -25.49 3.62 7.71
C THR E 20 -26.12 5.00 7.40
N ILE E 21 -25.59 5.66 6.36
CA ILE E 21 -26.01 6.98 5.84
C ILE E 21 -26.86 6.73 4.60
N THR E 22 -27.90 7.56 4.34
CA THR E 22 -28.79 7.36 3.21
C THR E 22 -28.90 8.60 2.35
N CYS E 23 -28.66 8.44 1.04
CA CYS E 23 -28.79 9.51 0.03
C CYS E 23 -30.04 9.20 -0.83
N ARG E 24 -30.86 10.22 -1.08
CA ARG E 24 -32.10 10.12 -1.86
C ARG E 24 -32.22 11.24 -2.92
N PRO E 25 -31.94 10.97 -4.22
CA PRO E 25 -32.09 12.03 -5.23
C PRO E 25 -33.54 12.37 -5.54
N SER E 26 -33.81 13.62 -6.00
CA SER E 26 -35.13 14.12 -6.38
C SER E 26 -35.76 13.28 -7.53
N GLN E 27 -34.93 12.83 -8.47
CA GLN E 27 -35.32 11.96 -9.58
C GLN E 27 -34.33 10.81 -9.69
N GLY E 28 -34.85 9.65 -10.07
CA GLY E 28 -34.08 8.43 -10.18
C GLY E 28 -32.91 8.53 -11.14
N ILE E 29 -31.71 8.31 -10.60
CA ILE E 29 -30.42 8.24 -11.32
C ILE E 29 -30.13 6.71 -11.54
N ASN E 30 -29.05 6.34 -12.26
CA ASN E 30 -28.75 4.93 -12.43
C ASN E 30 -27.81 4.50 -11.28
N TRP E 31 -26.50 4.60 -11.52
CA TRP E 31 -25.43 4.29 -10.57
C TRP E 31 -24.55 5.53 -10.39
N GLU E 32 -24.88 6.65 -11.10
CA GLU E 32 -24.10 7.88 -11.09
C GLU E 32 -24.10 8.64 -9.75
N LEU E 33 -23.64 7.96 -8.67
CA LEU E 33 -23.50 8.54 -7.32
C LEU E 33 -22.14 8.23 -6.74
N ALA E 34 -21.50 9.24 -6.15
CA ALA E 34 -20.20 9.13 -5.50
C ALA E 34 -20.35 9.43 -4.01
N TRP E 35 -19.45 8.92 -3.16
CA TRP E 35 -19.48 9.22 -1.71
C TRP E 35 -18.13 9.77 -1.28
N TYR E 36 -18.14 10.77 -0.41
CA TYR E 36 -16.96 11.47 0.10
C TYR E 36 -16.94 11.51 1.61
N GLN E 37 -15.72 11.58 2.19
CA GLN E 37 -15.45 11.73 3.63
C GLN E 37 -14.67 13.04 3.78
N GLN E 38 -15.17 13.99 4.60
CA GLN E 38 -14.47 15.25 4.88
C GLN E 38 -14.15 15.45 6.37
N LYS E 39 -12.86 15.42 6.71
CA LYS E 39 -12.39 15.71 8.07
C LYS E 39 -12.42 17.25 8.18
N PRO E 40 -12.69 17.84 9.34
CA PRO E 40 -12.72 19.32 9.40
C PRO E 40 -11.41 19.96 8.97
N GLY E 41 -11.52 21.04 8.19
CA GLY E 41 -10.39 21.79 7.65
C GLY E 41 -9.67 21.15 6.47
N LYS E 42 -10.04 19.94 6.08
CA LYS E 42 -9.36 19.29 4.97
C LYS E 42 -10.27 19.15 3.78
N ALA E 43 -9.68 18.98 2.60
CA ALA E 43 -10.42 18.73 1.35
C ALA E 43 -11.11 17.36 1.46
N PRO E 44 -12.29 17.18 0.81
CA PRO E 44 -12.93 15.83 0.84
C PRO E 44 -12.05 14.75 0.22
N LYS E 45 -12.30 13.47 0.62
CA LYS E 45 -11.65 12.29 0.07
C LYS E 45 -12.74 11.42 -0.52
N LEU E 46 -12.53 10.94 -1.76
CA LEU E 46 -13.48 10.05 -2.43
C LEU E 46 -13.35 8.65 -1.87
N LEU E 47 -14.51 8.08 -1.48
CA LEU E 47 -14.62 6.73 -0.93
C LEU E 47 -15.19 5.75 -1.96
N ILE E 48 -16.29 6.14 -2.64
CA ILE E 48 -17.06 5.33 -3.60
C ILE E 48 -17.43 6.12 -4.89
N TYR E 49 -17.41 5.44 -6.03
CA TYR E 49 -17.88 5.97 -7.32
C TYR E 49 -18.80 4.86 -7.82
N ASP E 50 -19.60 5.16 -8.85
CA ASP E 50 -20.53 4.20 -9.45
C ASP E 50 -21.46 3.55 -8.43
N ALA E 51 -21.81 4.34 -7.38
CA ALA E 51 -22.72 3.95 -6.29
C ALA E 51 -22.20 2.87 -5.33
N SER E 52 -21.37 1.92 -5.82
CA SER E 52 -20.91 0.78 -5.04
C SER E 52 -19.43 0.40 -5.16
N SER E 53 -18.65 1.09 -6.00
CA SER E 53 -17.24 0.73 -6.19
C SER E 53 -16.30 1.50 -5.27
N LEU E 54 -15.47 0.79 -4.51
CA LEU E 54 -14.46 1.38 -3.62
C LEU E 54 -13.33 2.02 -4.45
N GLU E 55 -12.90 3.23 -4.05
CA GLU E 55 -11.81 3.90 -4.73
C GLU E 55 -10.48 3.27 -4.32
N ASN E 56 -9.42 3.54 -5.10
CA ASN E 56 -8.06 3.09 -4.83
C ASN E 56 -7.63 3.61 -3.44
N GLY E 57 -7.12 2.71 -2.60
CA GLY E 57 -6.64 2.98 -1.24
C GLY E 57 -7.65 3.11 -0.10
N VAL E 58 -8.96 2.93 -0.38
CA VAL E 58 -10.05 3.07 0.62
C VAL E 58 -10.24 1.76 1.42
N PRO E 59 -10.26 1.75 2.78
CA PRO E 59 -10.47 0.48 3.52
C PRO E 59 -11.79 -0.25 3.20
N SER E 60 -11.76 -1.58 3.28
CA SER E 60 -12.89 -2.46 2.96
C SER E 60 -14.09 -2.34 3.94
N ARG E 61 -13.90 -1.66 5.11
CA ARG E 61 -14.97 -1.39 6.10
C ARG E 61 -16.05 -0.48 5.50
N PHE E 62 -15.65 0.36 4.51
CA PHE E 62 -16.53 1.22 3.72
C PHE E 62 -17.14 0.37 2.60
N SER E 63 -18.46 0.48 2.42
CA SER E 63 -19.22 -0.22 1.39
C SER E 63 -20.37 0.67 0.99
N GLY E 64 -20.85 0.51 -0.24
CA GLY E 64 -21.94 1.30 -0.80
C GLY E 64 -22.92 0.45 -1.55
N SER E 65 -24.21 0.79 -1.45
CA SER E 65 -25.32 0.09 -2.11
C SER E 65 -26.33 1.12 -2.61
N GLY E 66 -27.28 0.67 -3.41
CA GLY E 66 -28.32 1.56 -3.92
C GLY E 66 -28.56 1.56 -5.40
N SER E 67 -29.73 2.09 -5.79
CA SER E 67 -30.22 2.19 -7.17
C SER E 67 -31.40 3.16 -7.24
N GLY E 68 -31.39 4.01 -8.27
CA GLY E 68 -32.48 4.93 -8.56
C GLY E 68 -32.63 6.07 -7.59
N THR E 69 -33.49 5.91 -6.58
CA THR E 69 -33.76 6.97 -5.60
C THR E 69 -33.32 6.63 -4.15
N ASP E 70 -32.82 5.41 -3.90
CA ASP E 70 -32.34 5.02 -2.58
C ASP E 70 -30.89 4.55 -2.68
N PHE E 71 -30.00 5.18 -1.90
CA PHE E 71 -28.56 4.87 -1.87
C PHE E 71 -28.07 4.90 -0.42
N THR E 72 -27.16 3.97 -0.04
CA THR E 72 -26.57 3.90 1.30
C THR E 72 -25.04 3.78 1.33
N LEU E 73 -24.42 4.35 2.38
CA LEU E 73 -23.01 4.24 2.72
C LEU E 73 -22.93 3.50 4.05
N THR E 74 -22.10 2.47 4.12
CA THR E 74 -21.96 1.65 5.33
C THR E 74 -20.50 1.60 5.79
N ILE E 75 -20.29 1.69 7.12
CA ILE E 75 -18.98 1.57 7.78
C ILE E 75 -19.20 0.41 8.78
N SER E 76 -18.82 -0.83 8.38
CA SER E 76 -19.00 -2.10 9.12
C SER E 76 -18.54 -2.07 10.59
N SER E 77 -17.30 -1.59 10.82
CA SER E 77 -16.71 -1.45 12.14
C SER E 77 -16.01 -0.10 12.18
N LEU E 78 -16.74 0.90 12.70
CA LEU E 78 -16.30 2.28 12.82
C LEU E 78 -14.97 2.36 13.56
N GLN E 79 -14.02 3.11 12.97
CA GLN E 79 -12.66 3.28 13.49
C GLN E 79 -12.47 4.68 14.06
N PRO E 80 -11.44 4.92 14.92
CA PRO E 80 -11.29 6.27 15.50
C PRO E 80 -11.05 7.38 14.48
N GLU E 81 -10.58 7.01 13.29
CA GLU E 81 -10.28 7.94 12.20
C GLU E 81 -11.48 8.21 11.29
N ASP E 82 -12.62 7.53 11.51
CA ASP E 82 -13.80 7.67 10.65
C ASP E 82 -14.74 8.77 11.10
N PHE E 83 -14.38 9.48 12.18
CA PHE E 83 -15.18 10.57 12.70
C PHE E 83 -14.95 11.77 11.80
N ALA E 84 -15.89 12.00 10.87
CA ALA E 84 -15.84 13.06 9.84
C ALA E 84 -17.27 13.38 9.35
N THR E 85 -17.40 14.18 8.28
CA THR E 85 -18.67 14.51 7.63
C THR E 85 -18.70 13.74 6.28
N TYR E 86 -19.81 13.07 5.96
CA TYR E 86 -19.92 12.30 4.70
C TYR E 86 -20.92 12.92 3.75
N TYR E 87 -20.51 13.09 2.48
CA TYR E 87 -21.35 13.70 1.46
C TYR E 87 -21.54 12.77 0.29
N CYS E 88 -22.77 12.73 -0.24
CA CYS E 88 -23.07 12.02 -1.46
C CYS E 88 -23.08 13.10 -2.54
N GLN E 89 -22.83 12.73 -3.79
CA GLN E 89 -22.79 13.61 -4.96
C GLN E 89 -23.28 12.81 -6.16
N GLN E 90 -24.06 13.45 -7.07
CA GLN E 90 -24.54 12.79 -8.29
C GLN E 90 -23.80 13.27 -9.54
N PHE E 91 -23.55 12.37 -10.49
CA PHE E 91 -22.90 12.75 -11.74
C PHE E 91 -23.77 12.32 -12.92
N ASN E 92 -25.10 12.34 -12.70
CA ASN E 92 -26.12 11.98 -13.69
C ASN E 92 -26.33 13.11 -14.66
N SER E 93 -26.45 14.35 -14.17
CA SER E 93 -26.69 15.51 -15.02
C SER E 93 -26.19 16.80 -14.41
N TYR E 94 -25.87 17.78 -15.28
CA TYR E 94 -25.45 19.11 -14.90
C TYR E 94 -26.65 19.91 -14.38
N PRO E 95 -26.50 20.71 -13.30
CA PRO E 95 -25.27 20.91 -12.51
C PRO E 95 -25.05 19.74 -11.57
N LEU E 96 -23.81 19.33 -11.37
CA LEU E 96 -23.55 18.23 -10.42
C LEU E 96 -23.85 18.79 -9.03
N THR E 97 -24.49 17.99 -8.17
CA THR E 97 -24.93 18.40 -6.83
C THR E 97 -24.48 17.43 -5.75
N PHE E 98 -24.41 17.92 -4.50
CA PHE E 98 -24.04 17.16 -3.31
C PHE E 98 -25.20 17.17 -2.31
N GLY E 99 -25.24 16.16 -1.44
CA GLY E 99 -26.21 16.10 -0.34
C GLY E 99 -25.75 17.07 0.72
N GLY E 100 -26.63 17.43 1.65
CA GLY E 100 -26.30 18.34 2.73
C GLY E 100 -25.22 17.88 3.70
N GLY E 101 -24.94 16.59 3.71
CA GLY E 101 -23.92 15.99 4.58
C GLY E 101 -24.45 15.24 5.78
N THR E 102 -23.57 14.41 6.41
CA THR E 102 -23.85 13.65 7.63
C THR E 102 -22.65 13.71 8.59
N LYS E 103 -22.78 14.38 9.75
CA LYS E 103 -21.66 14.42 10.70
C LYS E 103 -21.60 13.12 11.55
N VAL E 104 -20.41 12.50 11.65
CA VAL E 104 -20.15 11.31 12.46
C VAL E 104 -19.24 11.71 13.65
N GLU E 105 -19.75 11.54 14.89
CA GLU E 105 -19.09 11.93 16.14
C GLU E 105 -18.95 10.73 17.10
#